data_9INV
#
_entry.id   9INV
#
_cell.length_a   46.623
_cell.length_b   62.279
_cell.length_c   88.654
_cell.angle_alpha   90.00
_cell.angle_beta   90.00
_cell.angle_gamma   90.00
#
_symmetry.space_group_name_H-M   'P 21 21 21'
#
loop_
_entity.id
_entity.type
_entity.pdbx_description
1 polymer 'Death-associated protein kinase 1'
2 non-polymer "2',4,4'-TRIHYDROXYCHALCONE"
3 non-polymer 'SULFATE ION'
4 water water
#
_entity_poly.entity_id   1
_entity_poly.type   'polypeptide(L)'
_entity_poly.pdbx_seq_one_letter_code
;MTVFRQENVDDYYDTGEELGSGQFAVVKKCREKSTGLQYAAKFIKKRRTKSSRRGVSREDIEREVSILKEIQHPNVITLH
EVYENKTDVILILELVAGGELFDFLAEKESLTEEEATEFLKQILNGVYYLHSLQIAHFDLKPENIMLLDRNVPKPRIKII
DFGLAHKIDFGNEFKNIFGTPEFVAPEIVNYEPLGLEADMWSIGVITYILLSGASPFLGDTKQETLANVSAVNYEFEDEY
FSNTSALAKDFIRRLLVKDPKKRMTIQDSLQHPWIKPKDTQQALSLEHHHHHH
;
_entity_poly.pdbx_strand_id   A
#
# COMPACT_ATOMS: atom_id res chain seq x y z
N THR A 2 11.21 17.90 13.52
CA THR A 2 10.29 18.81 12.84
C THR A 2 8.98 18.87 13.60
N VAL A 3 8.53 20.07 13.95
CA VAL A 3 7.35 20.21 14.79
C VAL A 3 6.12 20.51 13.92
N PHE A 4 4.95 20.12 14.43
CA PHE A 4 3.70 20.23 13.70
C PHE A 4 2.79 21.21 14.43
N ARG A 5 1.59 21.46 13.87
CA ARG A 5 0.67 22.44 14.46
C ARG A 5 0.13 21.96 15.80
N GLN A 6 0.28 22.79 16.83
CA GLN A 6 -0.09 22.35 18.15
C GLN A 6 -1.40 22.94 18.67
N GLU A 7 -2.14 23.65 17.85
CA GLU A 7 -3.52 23.93 18.20
C GLU A 7 -4.33 22.65 18.23
N ASN A 8 -5.44 22.69 18.99
CA ASN A 8 -6.31 21.54 19.10
C ASN A 8 -7.01 21.33 17.78
N VAL A 9 -6.92 20.10 17.25
CA VAL A 9 -7.46 19.79 15.93
C VAL A 9 -8.96 19.97 15.94
N ASP A 10 -9.58 19.77 17.11
CA ASP A 10 -11.03 19.94 17.25
C ASP A 10 -11.49 21.39 17.11
N ASP A 11 -10.59 22.37 17.21
CA ASP A 11 -10.97 23.75 16.95
C ASP A 11 -11.08 24.06 15.47
N TYR A 12 -10.55 23.19 14.60
CA TYR A 12 -10.50 23.44 13.18
C TYR A 12 -11.23 22.40 12.38
N TYR A 13 -11.49 21.22 12.94
CA TYR A 13 -12.16 20.14 12.21
C TYR A 13 -13.19 19.48 13.11
N ASP A 14 -14.26 18.96 12.49
CA ASP A 14 -15.20 18.04 13.12
C ASP A 14 -14.99 16.66 12.53
N THR A 15 -15.00 15.63 13.37
CA THR A 15 -14.80 14.27 12.89
C THR A 15 -16.14 13.54 12.78
N GLY A 16 -16.15 12.48 11.98
CA GLY A 16 -17.35 11.71 11.78
C GLY A 16 -17.09 10.23 11.79
N GLU A 17 -17.55 9.56 10.72
CA GLU A 17 -17.38 8.14 10.54
C GLU A 17 -15.91 7.72 10.63
N GLU A 18 -15.66 6.60 11.30
CA GLU A 18 -14.33 6.01 11.29
C GLU A 18 -14.11 5.25 9.99
N LEU A 19 -12.96 5.47 9.36
CA LEU A 19 -12.59 4.84 8.09
C LEU A 19 -11.68 3.63 8.22
N GLY A 20 -10.95 3.51 9.31
CA GLY A 20 -9.91 2.48 9.38
C GLY A 20 -9.18 2.57 10.69
N SER A 21 -8.51 1.48 11.03
CA SER A 21 -8.14 1.26 12.42
C SER A 21 -7.00 0.27 12.43
N GLY A 22 -5.94 0.57 13.19
CA GLY A 22 -4.80 -0.33 13.23
C GLY A 22 -4.27 -0.40 14.65
N GLN A 23 -3.10 -1.03 14.82
CA GLN A 23 -2.52 -1.16 16.15
C GLN A 23 -2.16 0.20 16.75
N PHE A 24 -1.57 1.09 15.95
CA PHE A 24 -1.20 2.39 16.53
C PHE A 24 -1.80 3.59 15.81
N ALA A 25 -2.84 3.41 15.01
CA ALA A 25 -3.44 4.53 14.30
C ALA A 25 -4.93 4.27 14.16
N VAL A 26 -5.70 5.35 14.01
CA VAL A 26 -7.12 5.27 13.69
C VAL A 26 -7.42 6.42 12.75
N VAL A 27 -8.25 6.18 11.73
CA VAL A 27 -8.50 7.18 10.69
C VAL A 27 -9.98 7.50 10.73
N LYS A 28 -10.31 8.78 10.83
CA LYS A 28 -11.70 9.24 10.94
C LYS A 28 -11.98 10.19 9.79
N LYS A 29 -13.15 10.08 9.15
CA LYS A 29 -13.58 11.15 8.26
C LYS A 29 -13.67 12.46 9.05
N CYS A 30 -13.34 13.56 8.40
CA CYS A 30 -13.43 14.84 9.08
C CYS A 30 -13.83 15.92 8.08
N ARG A 31 -14.21 17.08 8.64
CA ARG A 31 -14.60 18.24 7.84
C ARG A 31 -13.93 19.47 8.41
N GLU A 32 -13.24 20.22 7.55
CA GLU A 32 -12.59 21.46 7.98
C GLU A 32 -13.60 22.56 8.14
N LYS A 33 -13.62 23.16 9.33
CA LYS A 33 -14.68 24.11 9.65
C LYS A 33 -14.64 25.32 8.74
N SER A 34 -13.44 25.80 8.38
CA SER A 34 -13.36 27.07 7.66
C SER A 34 -13.70 26.97 6.16
N THR A 35 -13.77 25.76 5.60
CA THR A 35 -13.95 25.57 4.16
C THR A 35 -15.05 24.60 3.80
N GLY A 36 -15.51 23.78 4.75
CA GLY A 36 -16.43 22.72 4.44
C GLY A 36 -15.85 21.53 3.74
N LEU A 37 -14.55 21.54 3.43
CA LEU A 37 -13.96 20.45 2.68
C LEU A 37 -13.69 19.27 3.60
N GLN A 38 -13.74 18.08 3.01
CA GLN A 38 -13.70 16.84 3.78
C GLN A 38 -12.39 16.13 3.54
N TYR A 39 -11.89 15.46 4.59
CA TYR A 39 -10.58 14.83 4.64
C TYR A 39 -10.69 13.57 5.49
N ALA A 40 -9.57 12.87 5.59
CA ALA A 40 -9.46 11.72 6.49
C ALA A 40 -8.37 12.07 7.48
N ALA A 41 -8.68 12.05 8.79
CA ALA A 41 -7.70 12.43 9.80
C ALA A 41 -7.09 11.13 10.36
N LYS A 42 -5.79 10.90 10.14
CA LYS A 42 -5.10 9.73 10.69
C LYS A 42 -4.44 10.11 12.01
N PHE A 43 -4.94 9.55 13.11
CA PHE A 43 -4.37 9.83 14.44
C PHE A 43 -3.35 8.73 14.70
N ILE A 44 -2.08 9.10 14.83
CA ILE A 44 -1.00 8.15 15.09
C ILE A 44 -0.57 8.32 16.55
N LYS A 45 -0.61 7.22 17.30
CA LYS A 45 -0.21 7.26 18.71
C LYS A 45 1.30 7.39 18.83
N LYS A 46 1.76 8.43 19.57
CA LYS A 46 3.17 8.63 19.82
C LYS A 46 3.71 7.63 20.84
N ARG A 47 5.00 7.32 20.72
CA ARG A 47 5.73 6.62 21.78
C ARG A 47 5.88 7.53 23.00
N ARG A 48 5.57 6.99 24.18
CA ARG A 48 5.61 7.78 25.41
C ARG A 48 6.93 7.70 26.15
N THR A 49 7.83 6.76 25.79
CA THR A 49 9.19 6.71 26.32
C THR A 49 10.13 6.26 25.21
N LYS A 50 11.45 6.38 25.41
CA LYS A 50 12.39 6.00 24.36
C LYS A 50 12.32 4.51 24.05
N SER A 51 12.36 3.68 25.08
CA SER A 51 12.47 2.24 24.91
C SER A 51 11.14 1.54 24.69
N SER A 52 10.04 2.28 24.56
CA SER A 52 8.75 1.62 24.49
C SER A 52 8.52 0.97 23.13
N ARG A 53 7.76 -0.11 23.16
CA ARG A 53 7.29 -0.80 21.98
C ARG A 53 5.89 -0.35 21.57
N ARG A 54 5.21 0.44 22.40
CA ARG A 54 3.91 0.95 22.01
C ARG A 54 4.09 2.28 21.31
N GLY A 55 3.16 2.63 20.47
CA GLY A 55 3.23 3.87 19.72
C GLY A 55 4.25 3.80 18.60
N VAL A 56 4.29 4.89 17.83
CA VAL A 56 5.18 5.01 16.69
C VAL A 56 6.28 6.00 17.04
N SER A 57 7.55 5.63 16.75
CA SER A 57 8.66 6.53 17.07
C SER A 57 8.55 7.83 16.30
N ARG A 58 9.06 8.92 16.89
CA ARG A 58 9.01 10.19 16.17
C ARG A 58 9.74 10.12 14.83
N GLU A 59 10.86 9.40 14.79
CA GLU A 59 11.59 9.22 13.53
C GLU A 59 10.69 8.60 12.46
N ASP A 60 9.94 7.56 12.83
CA ASP A 60 9.05 6.92 11.88
C ASP A 60 7.93 7.85 11.44
N ILE A 61 7.35 8.61 12.37
CA ILE A 61 6.29 9.54 12.01
C ILE A 61 6.86 10.61 11.08
N GLU A 62 8.02 11.18 11.43
CA GLU A 62 8.59 12.23 10.58
C GLU A 62 8.88 11.73 9.18
N ARG A 63 9.29 10.47 9.06
CA ARG A 63 9.60 9.93 7.73
C ARG A 63 8.34 9.84 6.89
N GLU A 64 7.25 9.29 7.47
CA GLU A 64 5.99 9.21 6.74
C GLU A 64 5.51 10.60 6.32
N VAL A 65 5.60 11.57 7.23
CA VAL A 65 5.20 12.92 6.85
C VAL A 65 6.07 13.48 5.73
N SER A 66 7.39 13.25 5.80
CA SER A 66 8.27 13.83 4.80
C SER A 66 7.96 13.24 3.42
N ILE A 67 7.66 11.94 3.38
CA ILE A 67 7.28 11.32 2.10
C ILE A 67 5.96 11.87 1.60
N LEU A 68 4.96 11.92 2.46
CA LEU A 68 3.67 12.43 2.00
C LEU A 68 3.77 13.87 1.49
N LYS A 69 4.60 14.70 2.13
CA LYS A 69 4.78 16.07 1.64
C LYS A 69 5.34 16.14 0.23
N GLU A 70 6.08 15.13 -0.22
CA GLU A 70 6.74 15.21 -1.53
C GLU A 70 5.81 14.77 -2.67
N ILE A 71 4.82 13.96 -2.39
CA ILE A 71 4.07 13.29 -3.47
C ILE A 71 2.83 14.07 -3.89
N GLN A 72 2.59 14.11 -5.20
CA GLN A 72 1.34 14.65 -5.72
C GLN A 72 1.07 13.94 -7.04
N HIS A 73 0.09 13.04 -7.06
CA HIS A 73 -0.19 12.25 -8.24
C HIS A 73 -1.59 11.69 -8.09
N PRO A 74 -2.36 11.55 -9.18
CA PRO A 74 -3.74 11.09 -9.03
C PRO A 74 -3.91 9.75 -8.32
N ASN A 75 -2.91 8.88 -8.32
CA ASN A 75 -3.10 7.56 -7.74
C ASN A 75 -2.46 7.41 -6.36
N VAL A 76 -2.14 8.52 -5.68
CA VAL A 76 -1.58 8.49 -4.34
C VAL A 76 -2.30 9.57 -3.55
N ILE A 77 -2.50 9.31 -2.25
CA ILE A 77 -3.16 10.28 -1.35
C ILE A 77 -2.33 11.56 -1.21
N THR A 78 -3.03 12.70 -1.10
CA THR A 78 -2.34 14.00 -0.89
C THR A 78 -2.49 14.42 0.59
N LEU A 79 -1.39 14.87 1.21
CA LEU A 79 -1.44 15.34 2.61
C LEU A 79 -1.87 16.80 2.61
N HIS A 80 -2.79 17.13 3.50
CA HIS A 80 -3.27 18.50 3.64
C HIS A 80 -2.60 19.28 4.77
N GLU A 81 -2.54 18.74 5.99
CA GLU A 81 -2.01 19.45 7.16
C GLU A 81 -1.55 18.40 8.15
N VAL A 82 -0.70 18.81 9.11
CA VAL A 82 -0.33 17.93 10.21
C VAL A 82 -0.47 18.67 11.53
N TYR A 83 -1.14 18.04 12.50
CA TYR A 83 -1.24 18.59 13.86
C TYR A 83 -0.59 17.61 14.85
N GLU A 84 -0.30 18.08 16.06
CA GLU A 84 0.17 17.13 17.08
C GLU A 84 -0.21 17.62 18.45
N ASN A 85 -0.27 16.67 19.37
CA ASN A 85 -0.38 16.98 20.79
C ASN A 85 0.46 15.95 21.56
N LYS A 86 0.30 15.92 22.89
CA LYS A 86 1.19 15.08 23.71
C LYS A 86 1.04 13.61 23.34
N THR A 87 -0.14 13.20 22.90
CA THR A 87 -0.36 11.77 22.67
C THR A 87 -0.36 11.35 21.22
N ASP A 88 -0.66 12.24 20.26
CA ASP A 88 -0.84 11.82 18.88
C ASP A 88 -0.24 12.83 17.91
N VAL A 89 0.14 12.33 16.74
CA VAL A 89 0.30 13.16 15.55
C VAL A 89 -0.92 12.92 14.70
N ILE A 90 -1.50 13.97 14.15
CA ILE A 90 -2.76 13.85 13.41
C ILE A 90 -2.50 14.31 11.98
N LEU A 91 -2.54 13.37 11.00
CA LEU A 91 -2.33 13.75 9.61
C LEU A 91 -3.69 14.02 8.99
N ILE A 92 -3.87 15.19 8.38
CA ILE A 92 -5.13 15.48 7.70
C ILE A 92 -4.87 15.10 6.27
N LEU A 93 -5.49 13.99 5.80
CA LEU A 93 -5.20 13.41 4.49
C LEU A 93 -6.37 13.55 3.54
N GLU A 94 -6.06 13.45 2.23
CA GLU A 94 -7.13 13.41 1.23
C GLU A 94 -8.12 12.29 1.57
N LEU A 95 -9.40 12.60 1.48
CA LEU A 95 -10.48 11.61 1.72
C LEU A 95 -10.73 10.75 0.48
N VAL A 96 -10.66 9.44 0.66
CA VAL A 96 -10.88 8.47 -0.40
C VAL A 96 -11.95 7.56 0.21
N ALA A 97 -13.18 7.64 -0.31
CA ALA A 97 -14.35 7.19 0.43
C ALA A 97 -15.09 6.02 -0.20
N GLY A 98 -14.57 5.46 -1.32
CA GLY A 98 -15.18 4.35 -2.05
C GLY A 98 -14.81 2.97 -1.55
N GLY A 99 -14.06 2.84 -0.46
CA GLY A 99 -13.78 1.54 0.10
C GLY A 99 -12.58 0.85 -0.51
N GLU A 100 -12.24 -0.28 0.11
CA GLU A 100 -11.04 -1.00 -0.26
C GLU A 100 -11.25 -1.75 -1.56
N LEU A 101 -10.15 -1.88 -2.29
CA LEU A 101 -10.06 -2.91 -3.30
C LEU A 101 -10.39 -4.28 -2.69
N PHE A 102 -9.94 -4.50 -1.45
CA PHE A 102 -10.18 -5.77 -0.75
C PHE A 102 -11.68 -6.05 -0.57
N ASP A 103 -12.42 -5.06 -0.05
CA ASP A 103 -13.85 -5.25 0.18
C ASP A 103 -14.64 -5.29 -1.12
N PHE A 104 -14.34 -4.38 -2.05
CA PHE A 104 -14.97 -4.42 -3.37
C PHE A 104 -14.69 -5.75 -4.06
N LEU A 105 -13.52 -6.34 -3.79
CA LEU A 105 -13.19 -7.65 -4.34
C LEU A 105 -14.17 -8.71 -3.84
N ALA A 106 -14.39 -8.77 -2.52
CA ALA A 106 -15.30 -9.74 -1.93
C ALA A 106 -16.72 -9.62 -2.48
N GLU A 107 -17.07 -8.50 -3.10
CA GLU A 107 -18.38 -8.35 -3.72
C GLU A 107 -18.54 -9.27 -4.94
N LYS A 108 -17.46 -9.52 -5.66
CA LYS A 108 -17.49 -10.43 -6.79
C LYS A 108 -16.35 -11.43 -6.69
N SER A 110 -13.80 -13.02 -8.38
CA SER A 110 -12.66 -12.60 -9.19
C SER A 110 -13.12 -11.63 -10.27
N LEU A 111 -12.19 -10.76 -10.71
CA LEU A 111 -12.45 -9.83 -11.80
C LEU A 111 -12.12 -10.48 -13.15
N THR A 112 -12.78 -9.99 -14.20
CA THR A 112 -12.30 -10.23 -15.58
C THR A 112 -10.87 -9.69 -15.75
N GLU A 113 -10.17 -10.12 -16.81
CA GLU A 113 -8.83 -9.57 -17.00
C GLU A 113 -8.90 -8.09 -17.30
N GLU A 114 -9.96 -7.64 -17.98
CA GLU A 114 -10.00 -6.20 -18.22
C GLU A 114 -10.25 -5.44 -16.95
N GLU A 115 -11.17 -5.93 -16.10
CA GLU A 115 -11.38 -5.23 -14.82
C GLU A 115 -10.10 -5.20 -14.01
N ALA A 116 -9.40 -6.33 -13.97
CA ALA A 116 -8.17 -6.43 -13.18
C ALA A 116 -7.10 -5.49 -13.73
N THR A 117 -6.91 -5.50 -15.07
CA THR A 117 -5.89 -4.61 -15.65
C THR A 117 -6.27 -3.14 -15.52
N GLU A 118 -7.57 -2.80 -15.50
CA GLU A 118 -7.95 -1.39 -15.29
C GLU A 118 -7.54 -0.90 -13.91
N PHE A 119 -7.71 -1.74 -12.90
CA PHE A 119 -7.20 -1.41 -11.56
C PHE A 119 -5.69 -1.45 -11.56
N LEU A 120 -5.12 -2.56 -12.08
CA LEU A 120 -3.69 -2.73 -12.01
C LEU A 120 -2.95 -1.60 -12.73
N LYS A 121 -3.45 -1.12 -13.87
CA LYS A 121 -2.71 -0.05 -14.54
C LYS A 121 -2.64 1.19 -13.65
N GLN A 122 -3.69 1.47 -12.89
CA GLN A 122 -3.61 2.63 -11.97
C GLN A 122 -2.63 2.40 -10.84
N ILE A 123 -2.58 1.18 -10.29
CA ILE A 123 -1.57 0.88 -9.29
C ILE A 123 -0.17 1.08 -9.90
N LEU A 124 0.04 0.53 -11.11
CA LEU A 124 1.36 0.65 -11.73
C LEU A 124 1.73 2.10 -11.99
N ASN A 125 0.76 2.92 -12.41
CA ASN A 125 1.06 4.35 -12.60
C ASN A 125 1.47 5.02 -11.29
N GLY A 126 0.79 4.69 -10.21
CA GLY A 126 1.14 5.30 -8.91
C GLY A 126 2.49 4.83 -8.43
N VAL A 127 2.77 3.53 -8.60
CA VAL A 127 4.08 3.04 -8.20
C VAL A 127 5.17 3.57 -9.12
N TYR A 128 4.90 3.70 -10.43
CA TYR A 128 5.91 4.29 -11.31
C TYR A 128 6.28 5.70 -10.85
N TYR A 129 5.28 6.48 -10.42
CA TYR A 129 5.58 7.81 -9.87
C TYR A 129 6.44 7.70 -8.62
N LEU A 130 6.03 6.82 -7.67
CA LEU A 130 6.80 6.68 -6.42
C LEU A 130 8.23 6.23 -6.71
N HIS A 131 8.38 5.14 -7.49
CA HIS A 131 9.72 4.64 -7.80
C HIS A 131 10.56 5.64 -8.56
N SER A 132 9.95 6.49 -9.41
CA SER A 132 10.67 7.53 -10.10
C SER A 132 11.29 8.50 -9.11
N LEU A 133 10.62 8.68 -7.95
CA LEU A 133 11.14 9.52 -6.87
C LEU A 133 12.01 8.74 -5.89
N GLN A 134 12.31 7.47 -6.19
CA GLN A 134 13.09 6.62 -5.32
C GLN A 134 12.39 6.36 -3.99
N ILE A 135 11.05 6.31 -3.99
CA ILE A 135 10.28 5.96 -2.81
C ILE A 135 9.79 4.53 -2.94
N ALA A 136 10.24 3.68 -2.02
CA ALA A 136 9.65 2.35 -1.90
C ALA A 136 8.48 2.43 -0.93
N HIS A 137 7.36 1.83 -1.30
CA HIS A 137 6.16 1.87 -0.45
C HIS A 137 6.24 0.86 0.70
N PHE A 138 6.69 -0.36 0.39
CA PHE A 138 6.94 -1.42 1.37
C PHE A 138 5.69 -1.97 2.04
N ASP A 139 4.51 -1.58 1.62
CA ASP A 139 3.30 -2.12 2.26
C ASP A 139 2.16 -2.19 1.25
N LEU A 140 2.45 -2.54 -0.01
CA LEU A 140 1.37 -2.65 -0.99
C LEU A 140 0.54 -3.92 -0.75
N LYS A 141 -0.74 -3.74 -0.57
CA LYS A 141 -1.68 -4.83 -0.32
C LYS A 141 -3.06 -4.26 -0.54
N PRO A 142 -4.08 -5.10 -0.75
CA PRO A 142 -5.42 -4.58 -1.03
C PRO A 142 -5.94 -3.61 0.02
N GLU A 143 -5.62 -3.80 1.31
CA GLU A 143 -6.08 -2.88 2.34
C GLU A 143 -5.61 -1.46 2.10
N ASN A 144 -4.49 -1.30 1.41
CA ASN A 144 -3.92 0.04 1.21
C ASN A 144 -4.28 0.65 -0.14
N ILE A 145 -5.19 0.03 -0.88
CA ILE A 145 -5.64 0.56 -2.15
C ILE A 145 -7.12 0.79 -2.03
N MET A 146 -7.54 2.03 -2.18
CA MET A 146 -8.95 2.35 -2.04
C MET A 146 -9.48 3.11 -3.25
N LEU A 147 -10.80 3.04 -3.43
CA LEU A 147 -11.48 3.56 -4.59
C LEU A 147 -12.02 4.95 -4.28
N LEU A 148 -12.06 5.82 -5.29
CA LEU A 148 -12.71 7.11 -5.10
C LEU A 148 -14.23 6.99 -5.19
N ASP A 149 -14.76 6.14 -6.07
CA ASP A 149 -16.20 5.89 -6.17
C ASP A 149 -16.41 4.44 -6.57
N ARG A 150 -17.02 3.64 -5.69
CA ARG A 150 -17.15 2.22 -5.98
C ARG A 150 -18.32 1.90 -6.91
N ASN A 151 -19.08 2.91 -7.34
CA ASN A 151 -20.32 2.70 -8.10
C ASN A 151 -20.19 3.06 -9.58
N VAL A 152 -18.99 3.01 -10.14
CA VAL A 152 -18.77 3.24 -11.57
C VAL A 152 -18.15 1.97 -12.15
N PRO A 153 -18.28 1.76 -13.47
CA PRO A 153 -17.71 0.52 -14.06
C PRO A 153 -16.20 0.43 -13.97
N LYS A 154 -15.47 1.57 -14.09
CA LYS A 154 -14.02 1.65 -13.97
C LYS A 154 -13.66 2.58 -12.81
N PRO A 155 -13.68 2.07 -11.58
CA PRO A 155 -13.38 2.92 -10.41
C PRO A 155 -11.93 3.39 -10.42
N ARG A 156 -11.71 4.63 -9.98
CA ARG A 156 -10.36 5.17 -9.80
C ARG A 156 -9.81 4.84 -8.43
N ILE A 157 -8.51 4.57 -8.36
CA ILE A 157 -7.95 4.16 -7.07
C ILE A 157 -6.82 5.07 -6.64
N LYS A 158 -6.57 4.99 -5.35
CA LYS A 158 -5.45 5.67 -4.71
C LYS A 158 -4.77 4.74 -3.72
N ILE A 159 -3.45 4.82 -3.66
CA ILE A 159 -2.67 4.20 -2.59
C ILE A 159 -2.78 5.13 -1.40
N ILE A 160 -3.30 4.62 -0.27
CA ILE A 160 -3.87 5.53 0.76
C ILE A 160 -3.06 5.61 2.06
N ASP A 161 -1.95 4.85 2.21
CA ASP A 161 -1.19 4.90 3.41
C ASP A 161 0.28 4.79 3.05
N PHE A 162 1.16 5.39 3.90
CA PHE A 162 2.61 5.50 3.66
C PHE A 162 3.43 5.28 4.91
N GLY A 163 2.86 4.50 5.83
CA GLY A 163 3.48 4.25 7.13
C GLY A 163 4.77 3.46 7.10
N LEU A 164 5.02 2.66 6.05
CA LEU A 164 6.30 1.95 5.94
C LEU A 164 7.18 2.47 4.80
N ALA A 165 6.75 3.51 4.10
CA ALA A 165 7.46 3.98 2.92
C ALA A 165 8.84 4.56 3.28
N HIS A 166 9.83 4.30 2.42
CA HIS A 166 11.16 4.87 2.67
C HIS A 166 11.72 5.41 1.36
N LYS A 167 12.56 6.45 1.48
CA LYS A 167 13.36 6.94 0.34
C LYS A 167 14.55 6.00 0.20
N ILE A 168 14.85 5.60 -1.03
CA ILE A 168 15.89 4.60 -1.28
C ILE A 168 16.95 5.36 -2.08
N ASP A 169 17.75 6.20 -1.42
CA ASP A 169 18.74 6.99 -2.16
C ASP A 169 20.04 6.24 -2.46
N PHE A 170 20.25 5.08 -1.85
CA PHE A 170 21.41 4.24 -2.11
C PHE A 170 21.02 2.92 -2.78
N GLY A 171 19.86 2.85 -3.46
CA GLY A 171 19.49 1.56 -4.04
C GLY A 171 18.91 0.52 -3.10
N ASN A 172 19.30 0.54 -1.83
CA ASN A 172 18.67 -0.35 -0.86
C ASN A 172 18.70 0.30 0.52
N GLU A 173 17.79 -0.13 1.40
CA GLU A 173 17.75 0.23 2.81
C GLU A 173 17.81 -1.03 3.66
N PHE A 174 18.50 -0.95 4.80
CA PHE A 174 18.65 -2.17 5.63
C PHE A 174 17.92 -1.83 6.92
N LYS A 175 16.65 -2.19 6.95
CA LYS A 175 15.73 -2.02 8.06
C LYS A 175 14.77 -3.18 7.94
N ASN A 176 14.21 -3.62 9.06
CA ASN A 176 13.21 -4.68 9.01
C ASN A 176 11.84 -4.07 8.72
N ILE A 177 11.05 -4.75 7.86
CA ILE A 177 9.72 -4.25 7.48
C ILE A 177 8.75 -5.29 7.99
N PHE A 178 8.02 -4.94 9.03
CA PHE A 178 7.00 -5.88 9.48
C PHE A 178 5.71 -5.53 8.74
N GLY A 179 5.69 -5.94 7.47
CA GLY A 179 4.47 -5.93 6.68
C GLY A 179 3.65 -7.19 6.87
N THR A 180 2.66 -7.35 5.99
CA THR A 180 1.71 -8.47 6.09
C THR A 180 2.28 -9.69 5.37
N PRO A 181 2.45 -10.84 6.05
CA PRO A 181 3.15 -11.99 5.44
C PRO A 181 2.70 -12.35 4.04
N GLU A 182 1.39 -12.28 3.74
CA GLU A 182 0.90 -12.71 2.42
C GLU A 182 1.46 -11.88 1.29
N PHE A 183 1.92 -10.65 1.59
CA PHE A 183 2.27 -9.69 0.54
C PHE A 183 3.73 -9.27 0.53
N VAL A 184 4.54 -9.68 1.49
CA VAL A 184 5.93 -9.22 1.55
C VAL A 184 6.82 -10.10 0.70
N ALA A 185 7.83 -9.47 0.10
CA ALA A 185 8.78 -10.20 -0.74
C ALA A 185 9.74 -11.07 0.07
N PRO A 186 10.39 -12.06 -0.59
CA PRO A 186 11.34 -12.90 0.16
C PRO A 186 12.44 -12.10 0.87
N GLU A 187 12.91 -11.00 0.29
CA GLU A 187 13.98 -10.30 0.98
C GLU A 187 13.50 -9.70 2.30
N ILE A 188 12.22 -9.34 2.39
CA ILE A 188 11.67 -8.89 3.68
C ILE A 188 11.63 -10.05 4.67
N VAL A 189 11.13 -11.21 4.19
CA VAL A 189 11.06 -12.40 5.03
C VAL A 189 12.41 -12.75 5.58
N ASN A 190 13.46 -12.60 4.76
CA ASN A 190 14.81 -13.04 5.11
C ASN A 190 15.68 -11.91 5.69
N TYR A 191 15.07 -10.76 5.95
CA TYR A 191 15.77 -9.64 6.62
C TYR A 191 16.97 -9.18 5.82
N GLU A 192 16.83 -9.13 4.51
CA GLU A 192 17.90 -8.68 3.62
C GLU A 192 17.73 -7.21 3.30
N PRO A 193 18.73 -6.59 2.66
CA PRO A 193 18.58 -5.20 2.21
C PRO A 193 17.42 -5.10 1.23
N LEU A 194 16.70 -3.99 1.31
CA LEU A 194 15.44 -3.88 0.59
C LEU A 194 15.51 -2.69 -0.36
N GLY A 195 14.86 -2.84 -1.48
CA GLY A 195 14.74 -1.68 -2.38
C GLY A 195 13.39 -1.65 -3.08
N LEU A 196 13.35 -0.94 -4.21
CA LEU A 196 12.08 -0.81 -4.93
C LEU A 196 11.55 -2.14 -5.41
N GLU A 197 12.43 -3.14 -5.54
CA GLU A 197 12.01 -4.42 -6.07
C GLU A 197 10.97 -5.08 -5.18
N ALA A 198 11.02 -4.84 -3.86
CA ALA A 198 10.03 -5.51 -3.00
C ALA A 198 8.61 -5.13 -3.38
N ASP A 199 8.39 -3.87 -3.83
CA ASP A 199 7.04 -3.46 -4.24
C ASP A 199 6.59 -4.23 -5.46
N MET A 200 7.55 -4.58 -6.35
CA MET A 200 7.13 -5.28 -7.57
C MET A 200 6.68 -6.70 -7.25
N TRP A 201 7.32 -7.35 -6.26
CA TRP A 201 6.79 -8.64 -5.80
C TRP A 201 5.36 -8.48 -5.27
N SER A 202 5.13 -7.42 -4.42
CA SER A 202 3.79 -7.26 -3.87
C SER A 202 2.76 -7.07 -4.99
N ILE A 203 3.13 -6.32 -6.04
CA ILE A 203 2.21 -6.17 -7.16
C ILE A 203 1.90 -7.51 -7.80
N GLY A 204 2.90 -8.40 -7.89
CA GLY A 204 2.65 -9.75 -8.39
C GLY A 204 1.58 -10.50 -7.57
N VAL A 205 1.68 -10.40 -6.24
CA VAL A 205 0.70 -11.07 -5.37
C VAL A 205 -0.68 -10.46 -5.56
N ILE A 206 -0.74 -9.11 -5.55
CA ILE A 206 -1.99 -8.41 -5.80
C ILE A 206 -2.63 -8.85 -7.12
N THR A 207 -1.81 -8.98 -8.19
CA THR A 207 -2.37 -9.36 -9.49
C THR A 207 -2.94 -10.77 -9.45
N TYR A 208 -2.22 -11.70 -8.79
CA TYR A 208 -2.70 -13.07 -8.67
C TYR A 208 -4.06 -13.09 -7.97
N ILE A 209 -4.22 -12.29 -6.90
CA ILE A 209 -5.50 -12.25 -6.17
C ILE A 209 -6.59 -11.59 -7.03
N LEU A 210 -6.25 -10.49 -7.72
CA LEU A 210 -7.26 -9.84 -8.56
C LEU A 210 -7.85 -10.78 -9.57
N LEU A 211 -7.01 -11.64 -10.16
CA LEU A 211 -7.48 -12.52 -11.20
C LEU A 211 -8.19 -13.77 -10.71
N SER A 212 -7.93 -14.21 -9.47
CA SER A 212 -8.37 -15.52 -9.03
C SER A 212 -9.21 -15.50 -7.78
N GLY A 213 -9.15 -14.45 -6.96
CA GLY A 213 -9.77 -14.51 -5.65
C GLY A 213 -9.01 -15.28 -4.61
N ALA A 214 -7.81 -15.81 -4.92
CA ALA A 214 -7.08 -16.67 -4.00
C ALA A 214 -5.70 -16.06 -3.76
N SER A 215 -5.15 -16.31 -2.57
CA SER A 215 -3.87 -15.70 -2.22
C SER A 215 -2.74 -16.70 -2.45
N PRO A 216 -1.67 -16.35 -3.17
CA PRO A 216 -0.77 -17.40 -3.70
C PRO A 216 0.05 -18.10 -2.63
N PHE A 217 0.42 -17.44 -1.53
CA PHE A 217 1.34 -18.04 -0.59
C PHE A 217 0.69 -18.30 0.76
N LEU A 218 -0.59 -17.98 0.91
CA LEU A 218 -1.22 -18.02 2.24
C LEU A 218 -1.21 -19.42 2.81
N GLY A 219 -0.62 -19.59 4.00
CA GLY A 219 -0.74 -20.81 4.76
C GLY A 219 -1.75 -20.72 5.89
N ASP A 220 -1.70 -21.72 6.75
CA ASP A 220 -2.59 -21.78 7.92
C ASP A 220 -2.09 -20.94 9.07
N THR A 221 -0.81 -20.59 9.08
CA THR A 221 -0.23 -19.76 10.13
C THR A 221 0.69 -18.76 9.45
N LYS A 222 1.06 -17.71 10.19
CA LYS A 222 1.93 -16.69 9.59
C LYS A 222 3.28 -17.28 9.24
N GLN A 223 3.77 -18.22 10.07
CA GLN A 223 5.08 -18.84 9.77
C GLN A 223 5.03 -19.65 8.49
N GLU A 224 3.92 -20.36 8.24
CA GLU A 224 3.80 -21.08 6.97
C GLU A 224 3.77 -20.11 5.79
N THR A 225 3.02 -19.02 5.92
CA THR A 225 2.99 -18.05 4.81
C THR A 225 4.38 -17.51 4.53
N LEU A 226 5.09 -17.13 5.60
CA LEU A 226 6.44 -16.60 5.39
C LEU A 226 7.36 -17.66 4.78
N ALA A 227 7.23 -18.92 5.21
CA ALA A 227 8.08 -19.97 4.63
C ALA A 227 7.75 -20.17 3.17
N ASN A 228 6.46 -20.10 2.81
CA ASN A 228 6.06 -20.24 1.41
C ASN A 228 6.60 -19.10 0.56
N VAL A 229 6.54 -17.87 1.07
CA VAL A 229 7.09 -16.72 0.33
C VAL A 229 8.56 -16.96 0.05
N SER A 230 9.33 -17.31 1.10
CA SER A 230 10.77 -17.42 0.89
C SER A 230 11.12 -18.53 -0.10
N ALA A 231 10.35 -19.60 -0.12
CA ALA A 231 10.63 -20.68 -1.05
C ALA A 231 10.02 -20.48 -2.42
N VAL A 232 9.28 -19.38 -2.63
CA VAL A 232 8.48 -19.17 -3.84
C VAL A 232 7.57 -20.34 -4.11
N ASN A 233 6.91 -20.78 -3.06
CA ASN A 233 6.00 -21.93 -3.10
C ASN A 233 4.60 -21.43 -3.46
N TYR A 234 4.35 -21.23 -4.77
CA TYR A 234 3.00 -20.98 -5.26
C TYR A 234 2.83 -21.62 -6.62
N GLU A 235 1.58 -21.75 -7.03
CA GLU A 235 1.27 -22.28 -8.35
C GLU A 235 -0.06 -21.67 -8.81
N PHE A 236 -0.31 -21.71 -10.11
CA PHE A 236 -1.59 -21.28 -10.66
C PHE A 236 -2.58 -22.43 -10.65
N GLU A 237 -3.56 -22.41 -9.73
CA GLU A 237 -4.52 -23.54 -9.70
C GLU A 237 -5.45 -23.48 -10.89
N ASP A 238 -5.56 -24.58 -11.63
CA ASP A 238 -6.42 -24.59 -12.81
C ASP A 238 -7.85 -24.20 -12.45
N GLU A 239 -8.35 -24.66 -11.31
CA GLU A 239 -9.75 -24.37 -10.97
C GLU A 239 -10.01 -22.87 -10.93
N TYR A 240 -8.99 -22.06 -10.59
CA TYR A 240 -9.14 -20.62 -10.52
C TYR A 240 -8.60 -19.91 -11.74
N PHE A 241 -7.71 -20.52 -12.51
CA PHE A 241 -7.02 -19.83 -13.60
C PHE A 241 -7.35 -20.42 -14.97
N SER A 242 -8.31 -21.33 -15.07
CA SER A 242 -8.46 -22.04 -16.35
C SER A 242 -8.89 -21.13 -17.49
N ASN A 243 -9.50 -19.98 -17.20
CA ASN A 243 -9.84 -19.11 -18.32
C ASN A 243 -9.02 -17.83 -18.29
N THR A 244 -7.92 -17.84 -17.55
CA THR A 244 -6.99 -16.71 -17.49
C THR A 244 -5.93 -16.84 -18.57
N SER A 245 -5.58 -15.73 -19.24
CA SER A 245 -4.67 -15.88 -20.38
C SER A 245 -3.27 -16.25 -19.90
N ALA A 246 -2.51 -16.92 -20.79
CA ALA A 246 -1.14 -17.26 -20.44
C ALA A 246 -0.28 -16.03 -20.27
N LEU A 247 -0.60 -14.96 -20.99
CA LEU A 247 0.16 -13.73 -20.84
C LEU A 247 -0.04 -13.11 -19.45
N ALA A 248 -1.25 -13.18 -18.89
CA ALA A 248 -1.46 -12.72 -17.51
C ALA A 248 -0.65 -13.54 -16.54
N LYS A 249 -0.62 -14.87 -16.73
CA LYS A 249 0.25 -15.71 -15.90
C LYS A 249 1.73 -15.33 -16.05
N ASP A 250 2.17 -15.04 -17.29
CA ASP A 250 3.56 -14.67 -17.53
C ASP A 250 3.92 -13.39 -16.77
N PHE A 251 2.99 -12.41 -16.77
CA PHE A 251 3.22 -11.17 -16.03
C PHE A 251 3.47 -11.47 -14.56
N ILE A 252 2.57 -12.24 -13.95
CA ILE A 252 2.77 -12.66 -12.54
C ILE A 252 4.07 -13.41 -12.35
N ARG A 253 4.35 -14.38 -13.23
CA ARG A 253 5.54 -15.21 -13.01
C ARG A 253 6.82 -14.39 -12.99
N ARG A 254 6.86 -13.30 -13.76
CA ARG A 254 8.04 -12.44 -13.84
C ARG A 254 8.14 -11.44 -12.70
N LEU A 255 7.11 -11.42 -11.85
CA LEU A 255 7.17 -10.59 -10.64
C LEU A 255 7.43 -11.43 -9.40
N LEU A 256 6.92 -12.66 -9.36
CA LEU A 256 7.10 -13.54 -8.18
C LEU A 256 8.40 -14.35 -8.31
N VAL A 257 9.49 -13.59 -8.37
CA VAL A 257 10.86 -14.11 -8.61
C VAL A 257 11.67 -13.80 -7.36
N LYS A 258 12.31 -14.84 -6.79
CA LYS A 258 13.06 -14.67 -5.53
C LYS A 258 14.17 -13.63 -5.65
N ASP A 259 15.01 -13.74 -6.68
CA ASP A 259 16.13 -12.80 -6.81
C ASP A 259 15.60 -11.42 -7.21
N PRO A 260 15.74 -10.40 -6.37
CA PRO A 260 15.20 -9.10 -6.73
C PRO A 260 15.80 -8.55 -8.01
N LYS A 261 17.06 -8.92 -8.35
CA LYS A 261 17.70 -8.40 -9.55
C LYS A 261 17.10 -8.95 -10.83
N LYS A 262 16.43 -10.08 -10.75
CA LYS A 262 15.84 -10.75 -11.91
C LYS A 262 14.36 -10.43 -12.04
N ARG A 263 13.77 -9.80 -11.05
CA ARG A 263 12.37 -9.45 -11.04
C ARG A 263 12.08 -8.28 -11.97
N MET A 264 10.88 -8.25 -12.58
CA MET A 264 10.57 -7.08 -13.40
C MET A 264 10.59 -5.82 -12.53
N THR A 265 11.12 -4.73 -13.10
CA THR A 265 10.99 -3.43 -12.48
C THR A 265 9.65 -2.78 -12.87
N ILE A 266 9.38 -1.63 -12.26
CA ILE A 266 8.13 -0.96 -12.64
C ILE A 266 8.11 -0.60 -14.12
N GLN A 267 9.23 -0.11 -14.66
CA GLN A 267 9.27 0.14 -16.12
C GLN A 267 9.04 -1.15 -16.92
N ASP A 268 9.66 -2.26 -16.52
CA ASP A 268 9.42 -3.52 -17.22
C ASP A 268 7.93 -3.87 -17.19
N SER A 269 7.28 -3.65 -16.05
CA SER A 269 5.89 -4.05 -15.90
C SER A 269 4.99 -3.28 -16.85
N LEU A 270 5.31 -2.00 -17.11
CA LEU A 270 4.51 -1.15 -18.00
C LEU A 270 4.76 -1.48 -19.47
N GLN A 271 5.90 -2.08 -19.77
CA GLN A 271 6.20 -2.48 -21.13
C GLN A 271 5.82 -3.92 -21.42
N HIS A 272 5.47 -4.72 -20.40
CA HIS A 272 5.14 -6.11 -20.62
C HIS A 272 3.93 -6.21 -21.55
N PRO A 273 3.87 -7.22 -22.42
CA PRO A 273 2.82 -7.27 -23.43
C PRO A 273 1.40 -7.34 -22.87
N TRP A 274 1.22 -7.84 -21.66
CA TRP A 274 -0.13 -7.88 -21.08
C TRP A 274 -0.63 -6.48 -20.77
N ILE A 275 0.28 -5.56 -20.49
CA ILE A 275 -0.08 -4.20 -20.06
C ILE A 275 0.09 -3.19 -21.19
N LYS A 276 1.16 -3.30 -21.98
CA LYS A 276 1.51 -2.27 -22.95
C LYS A 276 0.40 -2.11 -23.99
N PRO A 277 -0.02 -0.88 -24.31
CA PRO A 277 -0.98 -0.72 -25.40
C PRO A 277 -0.33 -0.89 -26.78
#